data_2J1R
#
_entry.id   2J1R
#
_cell.length_a   43.581
_cell.length_b   60.390
_cell.length_c   99.674
_cell.angle_alpha   90.00
_cell.angle_beta   90.00
_cell.angle_gamma   90.00
#
_symmetry.space_group_name_H-M   'P 21 21 21'
#
loop_
_entity.id
_entity.type
_entity.pdbx_description
1 polymer 'FUCOLECTIN-RELATED PROTEIN'
2 non-polymer 'CALCIUM ION'
3 water water
#
_entity_poly.entity_id   1
_entity_poly.type   'polypeptide(L)'
_entity_poly.pdbx_seq_one_letter_code
;GSHMASTPDKFNDGNLNIAYAKPTTQSSVDYNGDPNRAVDGNRNGNFNSGSVTHTRADNPSWWEVDLKKMDKVGLVKIYN
RTDAETQRLSNFDVILYDNNRNEVAKKHVNNLSGESVSLDFKEKGARYIKVKLLTSGVPLSLAEVEVFRES
;
_entity_poly.pdbx_strand_id   A,B
#
loop_
_chem_comp.id
_chem_comp.type
_chem_comp.name
_chem_comp.formula
CA non-polymer 'CALCIUM ION' 'Ca 2'
#
# COMPACT_ATOMS: atom_id res chain seq x y z
N LYS A 10 -7.50 -6.38 19.23
CA LYS A 10 -6.03 -6.63 19.26
C LYS A 10 -5.70 -8.08 19.70
N PHE A 11 -6.36 -8.64 20.71
CA PHE A 11 -6.23 -10.10 20.97
C PHE A 11 -7.51 -10.85 20.66
N ASN A 12 -7.36 -12.05 20.09
CA ASN A 12 -8.50 -12.91 19.83
C ASN A 12 -8.14 -14.25 20.42
N ASP A 13 -8.87 -14.62 21.46
CA ASP A 13 -8.69 -15.90 22.13
C ASP A 13 -7.27 -16.08 22.60
N GLY A 14 -6.72 -14.98 23.10
CA GLY A 14 -5.36 -14.93 23.63
C GLY A 14 -4.25 -14.82 22.63
N ASN A 15 -4.61 -14.64 21.35
CA ASN A 15 -3.61 -14.55 20.32
C ASN A 15 -3.62 -13.13 19.77
N LEU A 16 -2.43 -12.55 19.67
CA LEU A 16 -2.30 -11.16 19.22
C LEU A 16 -2.58 -11.09 17.71
N ASN A 17 -3.57 -10.30 17.34
CA ASN A 17 -3.92 -10.08 15.94
C ASN A 17 -3.12 -8.87 15.48
N ILE A 18 -2.04 -9.13 14.75
CA ILE A 18 -1.19 -8.08 14.28
C ILE A 18 -1.78 -7.27 13.12
N ALA A 19 -2.90 -7.72 12.55
CA ALA A 19 -3.53 -6.92 11.48
C ALA A 19 -4.40 -5.77 11.98
N TYR A 20 -4.81 -5.87 13.24
CA TYR A 20 -5.78 -4.94 13.79
C TYR A 20 -5.27 -3.51 13.65
N ALA A 21 -6.11 -2.68 13.07
CA ALA A 21 -5.86 -1.25 12.91
C ALA A 21 -4.62 -0.90 12.06
N LYS A 22 -4.17 -1.85 11.26
CA LYS A 22 -3.05 -1.61 10.37
C LYS A 22 -3.58 -0.93 9.13
N PRO A 23 -2.73 -0.21 8.41
CA PRO A 23 -3.16 0.40 7.17
C PRO A 23 -3.63 -0.66 6.17
N THR A 24 -4.70 -0.32 5.47
CA THR A 24 -5.28 -1.15 4.42
C THR A 24 -5.56 -0.36 3.16
N THR A 25 -5.70 -1.11 2.09
CA THR A 25 -6.14 -0.54 0.84
C THR A 25 -6.93 -1.62 0.13
N GLN A 26 -7.66 -1.19 -0.87
CA GLN A 26 -8.36 -2.13 -1.70
C GLN A 26 -8.53 -1.59 -3.10
N SER A 27 -9.08 -2.40 -4.00
CA SER A 27 -9.08 -2.06 -5.41
C SER A 27 -9.93 -0.84 -5.72
N SER A 28 -10.99 -0.68 -4.95
CA SER A 28 -11.92 0.47 -5.05
C SER A 28 -12.85 0.36 -3.87
N VAL A 29 -13.70 1.35 -3.68
CA VAL A 29 -14.69 1.30 -2.63
C VAL A 29 -16.12 1.50 -3.21
N ASP A 30 -17.06 0.69 -2.77
CA ASP A 30 -18.49 0.94 -3.00
C ASP A 30 -19.23 0.78 -1.72
N TYR A 31 -20.41 1.42 -1.66
CA TYR A 31 -21.31 1.33 -0.52
C TYR A 31 -20.60 1.71 0.77
N ASN A 32 -19.62 2.58 0.68
CA ASN A 32 -18.80 3.04 1.82
C ASN A 32 -18.08 1.91 2.55
N GLY A 33 -17.87 0.81 1.85
CA GLY A 33 -17.20 -0.34 2.40
C GLY A 33 -15.68 -0.21 2.42
N ASP A 34 -15.20 0.79 3.12
CA ASP A 34 -13.79 1.14 3.14
C ASP A 34 -12.93 -0.02 3.70
N PRO A 35 -11.70 -0.11 3.26
CA PRO A 35 -10.91 -1.32 3.57
C PRO A 35 -10.56 -1.47 5.01
N ASN A 36 -10.56 -0.38 5.76
CA ASN A 36 -10.26 -0.46 7.19
C ASN A 36 -11.32 -1.21 7.96
N ARG A 37 -12.44 -1.48 7.32
CA ARG A 37 -13.51 -2.24 8.00
C ARG A 37 -13.09 -3.69 8.30
N ALA A 38 -12.14 -4.25 7.53
CA ALA A 38 -11.69 -5.62 7.74
C ALA A 38 -10.60 -5.72 8.77
N VAL A 39 -10.17 -4.57 9.36
CA VAL A 39 -9.24 -4.63 10.46
C VAL A 39 -9.76 -3.82 11.66
N ASP A 40 -11.08 -3.75 11.78
CA ASP A 40 -11.68 -2.91 12.80
C ASP A 40 -11.98 -3.63 14.09
N GLY A 41 -11.55 -4.91 14.14
CA GLY A 41 -11.68 -5.72 15.34
C GLY A 41 -13.03 -6.41 15.45
N ASN A 42 -13.89 -6.18 14.48
CA ASN A 42 -15.25 -6.71 14.52
C ASN A 42 -15.46 -7.76 13.43
N ARG A 43 -15.82 -8.96 13.89
CA ARG A 43 -16.03 -10.06 12.97
C ARG A 43 -17.44 -10.09 12.33
N ASN A 44 -18.32 -9.20 12.77
CA ASN A 44 -19.66 -9.12 12.21
C ASN A 44 -19.63 -9.03 10.68
N GLY A 45 -20.32 -9.97 10.03
CA GLY A 45 -20.40 -10.08 8.60
C GLY A 45 -21.64 -9.50 7.98
N ASN A 46 -22.53 -8.88 8.78
CA ASN A 46 -23.65 -8.15 8.20
CA ASN A 46 -23.66 -8.13 8.24
C ASN A 46 -23.21 -6.81 7.66
N PHE A 47 -23.33 -6.63 6.35
CA PHE A 47 -22.86 -5.44 5.69
C PHE A 47 -23.42 -4.17 6.33
N ASN A 48 -24.68 -4.24 6.72
CA ASN A 48 -25.37 -3.06 7.26
C ASN A 48 -24.86 -2.67 8.63
N SER A 49 -24.04 -3.52 9.26
CA SER A 49 -23.36 -3.23 10.54
C SER A 49 -22.21 -2.21 10.47
N GLY A 50 -21.65 -2.01 9.30
CA GLY A 50 -20.52 -1.14 9.16
C GLY A 50 -19.19 -1.87 9.30
N SER A 51 -19.23 -3.17 9.51
CA SER A 51 -18.02 -3.99 9.78
C SER A 51 -17.33 -4.57 8.55
N VAL A 52 -17.94 -4.41 7.37
CA VAL A 52 -17.66 -5.22 6.20
C VAL A 52 -17.23 -4.31 5.07
N THR A 53 -16.15 -4.70 4.41
CA THR A 53 -15.68 -4.00 3.23
C THR A 53 -16.51 -4.30 2.01
N HIS A 54 -16.27 -3.51 1.00
CA HIS A 54 -16.95 -3.66 -0.29
C HIS A 54 -16.19 -2.87 -1.36
N THR A 55 -15.76 -3.56 -2.40
CA THR A 55 -15.20 -2.87 -3.56
C THR A 55 -16.27 -2.71 -4.61
N ARG A 56 -15.92 -1.98 -5.67
CA ARG A 56 -16.70 -2.03 -6.90
C ARG A 56 -16.39 -3.34 -7.63
N ALA A 57 -17.00 -3.49 -8.77
CA ALA A 57 -16.81 -4.69 -9.53
C ALA A 57 -15.60 -4.75 -10.40
N ASP A 58 -14.44 -5.09 -9.83
CA ASP A 58 -13.15 -4.60 -10.30
C ASP A 58 -12.54 -5.82 -11.08
N ASN A 59 -11.38 -5.62 -11.64
CA ASN A 59 -10.79 -6.57 -12.58
C ASN A 59 -9.35 -6.88 -12.18
N PRO A 60 -9.13 -7.61 -11.09
CA PRO A 60 -10.13 -8.12 -10.15
C PRO A 60 -10.21 -7.29 -8.89
N SER A 61 -11.17 -7.60 -8.08
CA SER A 61 -11.25 -6.97 -6.78
C SER A 61 -10.20 -7.58 -5.84
N TRP A 62 -9.62 -6.73 -5.01
CA TRP A 62 -8.62 -7.14 -4.03
C TRP A 62 -8.65 -6.21 -2.83
N TRP A 63 -8.07 -6.70 -1.75
CA TRP A 63 -7.94 -5.99 -0.50
C TRP A 63 -6.55 -6.34 0.03
N GLU A 64 -5.93 -5.43 0.77
CA GLU A 64 -4.59 -5.72 1.32
C GLU A 64 -4.40 -5.02 2.63
N VAL A 65 -3.74 -5.70 3.53
CA VAL A 65 -3.27 -5.07 4.79
C VAL A 65 -1.72 -4.97 4.76
N ASP A 66 -1.22 -3.87 5.28
CA ASP A 66 0.19 -3.54 5.37
C ASP A 66 0.57 -3.60 6.86
N LEU A 67 1.44 -4.55 7.22
CA LEU A 67 1.84 -4.75 8.60
C LEU A 67 2.91 -3.75 9.03
N LYS A 68 3.36 -2.91 8.10
CA LYS A 68 4.23 -1.73 8.31
C LYS A 68 5.73 -2.07 8.31
N LYS A 69 6.05 -3.32 8.57
CA LYS A 69 7.39 -3.84 8.49
C LYS A 69 7.25 -5.31 8.19
N MET A 70 8.36 -5.97 7.89
CA MET A 70 8.38 -7.40 7.81
C MET A 70 8.10 -7.99 9.17
N ASP A 71 7.22 -8.97 9.16
CA ASP A 71 6.81 -9.65 10.36
C ASP A 71 6.71 -11.13 10.01
N LYS A 72 6.25 -11.95 10.94
CA LYS A 72 6.14 -13.39 10.74
C LYS A 72 4.63 -13.74 10.72
N VAL A 73 4.18 -14.49 9.72
CA VAL A 73 2.76 -14.75 9.52
C VAL A 73 2.50 -16.25 9.75
N GLY A 74 1.70 -16.53 10.78
CA GLY A 74 1.19 -17.86 11.06
C GLY A 74 -0.23 -17.97 10.52
N LEU A 75 -1.18 -18.10 11.42
CA LEU A 75 -2.58 -18.18 11.08
C LEU A 75 -3.08 -16.84 10.47
N VAL A 76 -3.78 -16.96 9.35
CA VAL A 76 -4.56 -15.89 8.76
C VAL A 76 -5.99 -16.38 8.71
N LYS A 77 -6.87 -15.66 9.36
CA LYS A 77 -8.26 -16.03 9.41
C LYS A 77 -9.09 -14.95 8.72
N ILE A 78 -9.87 -15.39 7.73
CA ILE A 78 -10.64 -14.49 6.90
C ILE A 78 -12.11 -14.75 7.11
N TYR A 79 -12.82 -13.71 7.46
CA TYR A 79 -14.23 -13.78 7.78
C TYR A 79 -15.05 -13.17 6.66
N ASN A 80 -15.97 -13.96 6.11
CA ASN A 80 -16.79 -13.55 5.02
C ASN A 80 -17.91 -12.59 5.49
N ARG A 81 -18.41 -11.83 4.52
CA ARG A 81 -19.76 -11.26 4.60
C ARG A 81 -20.74 -12.44 4.87
N THR A 82 -21.82 -12.17 5.63
CA THR A 82 -22.81 -13.18 6.03
C THR A 82 -24.23 -12.91 5.66
N ASP A 83 -24.56 -11.66 5.43
CA ASP A 83 -25.98 -11.30 5.24
C ASP A 83 -26.49 -11.61 3.84
N ALA A 84 -25.61 -11.56 2.84
CA ALA A 84 -26.02 -11.71 1.48
C ALA A 84 -24.76 -11.83 0.64
N GLU A 85 -24.93 -12.34 -0.57
CA GLU A 85 -23.85 -12.44 -1.54
C GLU A 85 -22.63 -13.19 -1.04
N THR A 86 -22.82 -14.18 -0.18
CA THR A 86 -21.70 -14.85 0.50
C THR A 86 -20.82 -15.64 -0.45
N GLN A 87 -21.39 -16.07 -1.56
CA GLN A 87 -20.66 -16.75 -2.61
C GLN A 87 -19.56 -15.95 -3.30
N ARG A 88 -19.57 -14.62 -3.17
CA ARG A 88 -18.59 -13.77 -3.80
C ARG A 88 -17.19 -14.09 -3.29
N LEU A 89 -17.06 -14.51 -2.03
CA LEU A 89 -15.75 -14.91 -1.47
C LEU A 89 -15.45 -16.37 -1.84
N SER A 90 -15.02 -16.56 -3.08
CA SER A 90 -14.75 -17.88 -3.65
C SER A 90 -13.70 -17.63 -4.73
N ASN A 91 -12.99 -18.70 -5.10
CA ASN A 91 -11.98 -18.67 -6.12
C ASN A 91 -11.02 -17.49 -5.93
N PHE A 92 -10.31 -17.50 -4.82
CA PHE A 92 -9.46 -16.39 -4.48
C PHE A 92 -8.12 -16.81 -3.91
N ASP A 93 -7.15 -15.95 -4.08
CA ASP A 93 -5.81 -16.16 -3.53
C ASP A 93 -5.60 -15.30 -2.30
N VAL A 94 -4.81 -15.81 -1.37
CA VAL A 94 -4.23 -15.06 -0.26
C VAL A 94 -2.74 -15.08 -0.48
N ILE A 95 -2.18 -13.89 -0.61
CA ILE A 95 -0.82 -13.72 -1.02
C ILE A 95 -0.06 -12.87 -0.02
N LEU A 96 1.13 -13.35 0.37
CA LEU A 96 2.06 -12.66 1.22
C LEU A 96 3.14 -12.01 0.37
N TYR A 97 3.46 -10.77 0.69
CA TYR A 97 4.53 -10.03 0.03
C TYR A 97 5.54 -9.48 1.02
N ASP A 98 6.79 -9.39 0.55
CA ASP A 98 7.83 -8.85 1.38
C ASP A 98 7.90 -7.32 1.29
N ASN A 99 8.97 -6.75 1.81
CA ASN A 99 9.09 -5.29 1.87
C ASN A 99 9.26 -4.65 0.51
N ASN A 100 9.59 -5.44 -0.51
CA ASN A 100 9.77 -4.97 -1.88
C ASN A 100 8.64 -5.45 -2.79
N ARG A 101 7.58 -5.90 -2.13
CA ARG A 101 6.41 -6.43 -2.81
C ARG A 101 6.69 -7.61 -3.75
N ASN A 102 7.66 -8.43 -3.35
CA ASN A 102 7.85 -9.76 -3.91
C ASN A 102 6.94 -10.75 -3.21
N GLU A 103 6.32 -11.59 -4.02
CA GLU A 103 5.49 -12.65 -3.48
C GLU A 103 6.37 -13.68 -2.76
N VAL A 104 6.05 -13.93 -1.50
CA VAL A 104 6.78 -14.92 -0.73
C VAL A 104 5.96 -16.17 -0.37
N ALA A 105 4.63 -16.09 -0.49
CA ALA A 105 3.78 -17.28 -0.29
C ALA A 105 2.41 -16.98 -0.86
N LYS A 106 1.68 -18.03 -1.18
CA LYS A 106 0.33 -17.89 -1.76
C LYS A 106 -0.45 -19.14 -1.41
N LYS A 107 -1.69 -18.97 -1.00
CA LYS A 107 -2.65 -20.08 -0.92
C LYS A 107 -3.93 -19.74 -1.67
N HIS A 108 -4.49 -20.75 -2.33
CA HIS A 108 -5.74 -20.60 -3.03
C HIS A 108 -6.87 -21.18 -2.20
N VAL A 109 -7.96 -20.43 -2.15
CA VAL A 109 -9.16 -20.90 -1.50
C VAL A 109 -10.30 -20.94 -2.52
N ASN A 110 -10.88 -22.13 -2.71
CA ASN A 110 -11.96 -22.32 -3.66
C ASN A 110 -13.31 -21.81 -3.19
N ASN A 111 -13.65 -22.18 -1.98
CA ASN A 111 -14.79 -21.59 -1.32
C ASN A 111 -14.77 -21.94 0.18
N LEU A 112 -15.75 -21.39 0.87
CA LEU A 112 -15.87 -21.52 2.29
C LEU A 112 -17.07 -22.40 2.52
N SER A 113 -16.95 -23.39 3.38
CA SER A 113 -18.15 -24.07 3.80
C SER A 113 -18.78 -23.40 4.99
N GLY A 114 -17.97 -22.70 5.80
CA GLY A 114 -18.48 -21.88 6.90
C GLY A 114 -18.37 -20.37 6.65
N GLU A 115 -18.46 -19.62 7.73
CA GLU A 115 -18.40 -18.15 7.66
C GLU A 115 -16.96 -17.60 7.54
N SER A 116 -15.98 -18.45 7.78
CA SER A 116 -14.61 -18.05 7.70
C SER A 116 -13.72 -19.19 7.17
N VAL A 117 -12.49 -18.83 6.80
CA VAL A 117 -11.46 -19.79 6.44
C VAL A 117 -10.19 -19.41 7.18
N SER A 118 -9.45 -20.43 7.60
CA SER A 118 -8.20 -20.29 8.31
C SER A 118 -7.08 -20.89 7.46
N LEU A 119 -6.02 -20.12 7.32
CA LEU A 119 -4.83 -20.51 6.54
C LEU A 119 -3.62 -20.38 7.45
N ASP A 120 -2.68 -21.30 7.33
CA ASP A 120 -1.47 -21.26 8.15
C ASP A 120 -0.23 -21.08 7.27
N PHE A 121 0.39 -19.92 7.36
CA PHE A 121 1.55 -19.61 6.53
C PHE A 121 2.91 -19.97 7.20
N LYS A 122 2.81 -20.58 8.38
CA LYS A 122 3.91 -21.23 9.04
C LYS A 122 5.08 -20.29 9.33
N GLU A 123 4.76 -19.08 9.75
CA GLU A 123 5.74 -18.10 10.20
C GLU A 123 6.59 -17.47 9.09
N LYS A 124 6.09 -17.51 7.87
CA LYS A 124 6.68 -16.84 6.71
C LYS A 124 6.85 -15.33 6.96
N GLY A 125 8.00 -14.82 6.57
CA GLY A 125 8.31 -13.39 6.69
C GLY A 125 7.58 -12.61 5.65
N ALA A 126 6.79 -11.61 6.06
CA ALA A 126 6.03 -10.84 5.07
C ALA A 126 5.63 -9.51 5.67
N ARG A 127 5.44 -8.50 4.84
CA ARG A 127 4.89 -7.22 5.27
C ARG A 127 3.43 -7.04 4.85
N TYR A 128 3.05 -7.56 3.68
CA TYR A 128 1.70 -7.33 3.16
C TYR A 128 0.96 -8.66 2.96
N ILE A 129 -0.33 -8.62 3.27
CA ILE A 129 -1.20 -9.75 3.02
C ILE A 129 -2.35 -9.25 2.14
N LYS A 130 -2.48 -9.88 0.98
CA LYS A 130 -3.47 -9.50 -0.01
C LYS A 130 -4.48 -10.65 -0.22
N VAL A 131 -5.76 -10.29 -0.27
CA VAL A 131 -6.86 -11.17 -0.66
C VAL A 131 -7.31 -10.71 -2.03
N LYS A 132 -7.20 -11.60 -3.03
CA LYS A 132 -7.45 -11.23 -4.40
C LYS A 132 -8.45 -12.23 -5.00
N LEU A 133 -9.59 -11.74 -5.42
CA LEU A 133 -10.55 -12.59 -6.14
C LEU A 133 -9.94 -12.83 -7.50
N LEU A 134 -10.18 -14.03 -8.00
CA LEU A 134 -9.67 -14.39 -9.32
C LEU A 134 -10.72 -14.28 -10.41
N THR A 135 -11.98 -13.96 -10.04
CA THR A 135 -13.08 -13.82 -11.01
C THR A 135 -13.32 -12.34 -11.22
N SER A 136 -13.17 -11.92 -12.47
CA SER A 136 -13.41 -10.56 -12.92
C SER A 136 -14.82 -10.11 -12.57
N GLY A 137 -14.93 -8.84 -12.22
CA GLY A 137 -16.23 -8.21 -12.08
C GLY A 137 -17.04 -8.67 -10.93
N VAL A 138 -16.41 -9.22 -9.89
CA VAL A 138 -17.09 -9.60 -8.64
C VAL A 138 -16.60 -8.73 -7.50
N PRO A 139 -17.48 -8.03 -6.81
CA PRO A 139 -17.05 -7.26 -5.64
C PRO A 139 -16.46 -8.11 -4.55
N LEU A 140 -15.44 -7.57 -3.89
CA LEU A 140 -14.85 -8.23 -2.73
C LEU A 140 -15.37 -7.57 -1.46
N SER A 141 -15.93 -8.39 -0.60
CA SER A 141 -16.36 -7.95 0.72
C SER A 141 -15.82 -8.91 1.78
N LEU A 142 -15.17 -8.34 2.77
CA LEU A 142 -14.54 -9.04 3.87
C LEU A 142 -15.05 -8.44 5.18
N ALA A 143 -15.55 -9.32 6.04
CA ALA A 143 -15.98 -8.87 7.36
C ALA A 143 -14.77 -8.53 8.23
N GLU A 144 -13.69 -9.32 8.10
CA GLU A 144 -12.53 -9.15 8.95
C GLU A 144 -11.42 -10.05 8.45
N VAL A 145 -10.18 -9.58 8.62
CA VAL A 145 -9.02 -10.40 8.34
C VAL A 145 -8.12 -10.28 9.54
N GLU A 146 -7.90 -11.40 10.20
CA GLU A 146 -7.08 -11.45 11.39
C GLU A 146 -5.77 -12.19 11.04
N VAL A 147 -4.64 -11.69 11.56
CA VAL A 147 -3.33 -12.25 11.27
C VAL A 147 -2.58 -12.45 12.57
N PHE A 148 -2.06 -13.65 12.77
CA PHE A 148 -1.33 -14.01 13.96
C PHE A 148 0.07 -14.43 13.61
N ARG A 149 1.00 -14.31 14.56
CA ARG A 149 2.42 -14.62 14.27
C ARG A 149 2.80 -16.10 14.28
N GLU A 150 1.90 -16.90 14.87
CA GLU A 150 2.01 -18.36 14.79
C GLU A 150 0.66 -19.04 14.48
N SER A 151 0.63 -20.29 14.38
N ASN B 15 -1.50 24.12 -12.21
CA ASN B 15 -2.57 23.09 -12.10
C ASN B 15 -2.52 22.24 -10.81
N LEU B 16 -3.37 21.24 -10.79
CA LEU B 16 -3.77 20.61 -9.55
C LEU B 16 -2.76 19.54 -9.17
N ASN B 17 -2.19 19.64 -7.98
CA ASN B 17 -1.29 18.61 -7.45
C ASN B 17 -2.14 17.52 -6.85
N ILE B 18 -2.29 16.43 -7.59
CA ILE B 18 -3.17 15.33 -7.16
C ILE B 18 -2.53 14.41 -6.14
N ALA B 19 -1.23 14.54 -5.94
CA ALA B 19 -0.53 13.81 -4.84
C ALA B 19 -0.72 14.39 -3.45
N TYR B 20 -1.05 15.68 -3.38
CA TYR B 20 -1.17 16.38 -2.12
C TYR B 20 -2.18 15.63 -1.21
N ALA B 21 -1.75 15.34 0.01
CA ALA B 21 -2.56 14.73 1.08
C ALA B 21 -3.10 13.32 0.74
N LYS B 22 -2.48 12.67 -0.26
CA LYS B 22 -2.88 11.33 -0.60
C LYS B 22 -2.19 10.33 0.34
N PRO B 23 -2.72 9.10 0.48
CA PRO B 23 -2.03 8.06 1.25
C PRO B 23 -0.65 7.78 0.70
N THR B 24 0.30 7.59 1.60
CA THR B 24 1.69 7.27 1.28
C THR B 24 2.22 6.17 2.14
N THR B 25 3.23 5.48 1.63
CA THR B 25 3.96 4.50 2.41
C THR B 25 5.43 4.59 2.02
N GLN B 26 6.29 4.00 2.81
CA GLN B 26 7.70 3.91 2.45
C GLN B 26 8.31 2.66 3.07
N SER B 27 9.54 2.40 2.68
CA SER B 27 10.17 1.13 3.00
C SER B 27 10.35 0.93 4.51
N SER B 28 10.53 2.05 5.23
CA SER B 28 10.66 2.09 6.71
C SER B 28 10.66 3.54 7.13
N VAL B 29 10.69 3.79 8.43
CA VAL B 29 10.75 5.15 8.93
CA VAL B 29 10.76 5.16 8.92
C VAL B 29 11.93 5.28 9.91
N ASP B 30 12.63 6.38 9.80
CA ASP B 30 13.69 6.77 10.75
C ASP B 30 13.57 8.26 11.00
N TYR B 31 14.03 8.69 12.17
CA TYR B 31 14.01 10.10 12.57
C TYR B 31 12.65 10.76 12.43
N ASN B 32 11.61 9.96 12.63
CA ASN B 32 10.22 10.38 12.49
C ASN B 32 9.83 10.92 11.14
N GLY B 33 10.59 10.57 10.10
CA GLY B 33 10.43 11.10 8.76
C GLY B 33 9.33 10.34 8.00
N ASP B 34 8.14 10.38 8.56
CA ASP B 34 6.96 9.72 7.96
C ASP B 34 6.73 10.09 6.48
N PRO B 35 6.27 9.11 5.69
CA PRO B 35 6.10 9.29 4.25
C PRO B 35 5.12 10.36 3.89
N ASN B 36 4.18 10.67 4.77
CA ASN B 36 3.23 11.76 4.47
C ASN B 36 3.89 13.16 4.30
N ARG B 37 5.12 13.30 4.81
CA ARG B 37 5.84 14.57 4.71
C ARG B 37 6.05 14.96 3.26
N ALA B 38 6.11 13.98 2.36
CA ALA B 38 6.34 14.29 0.96
C ALA B 38 5.09 14.71 0.20
N VAL B 39 3.93 14.67 0.86
CA VAL B 39 2.70 15.18 0.25
C VAL B 39 1.97 16.21 1.15
N ASP B 40 2.76 16.94 1.96
CA ASP B 40 2.18 17.88 2.93
C ASP B 40 2.06 19.29 2.37
N GLY B 41 2.35 19.45 1.08
CA GLY B 41 2.23 20.74 0.40
C GLY B 41 3.41 21.67 0.60
N ASN B 42 4.43 21.24 1.34
CA ASN B 42 5.57 22.07 1.76
C ASN B 42 6.78 21.52 1.04
N ARG B 43 7.36 22.34 0.17
CA ARG B 43 8.57 21.98 -0.58
C ARG B 43 9.88 22.12 0.20
N ASN B 44 9.85 22.66 1.43
CA ASN B 44 11.03 22.87 2.29
C ASN B 44 11.82 21.59 2.44
N GLY B 45 13.09 21.67 2.04
CA GLY B 45 14.05 20.58 2.15
C GLY B 45 14.87 20.48 3.41
N ASN B 46 14.70 21.41 4.36
CA ASN B 46 15.37 21.32 5.63
C ASN B 46 14.70 20.32 6.54
N PHE B 47 15.43 19.28 6.97
CA PHE B 47 14.82 18.18 7.68
C PHE B 47 14.16 18.68 8.95
N ASN B 48 14.80 19.61 9.66
CA ASN B 48 14.24 20.14 10.92
C ASN B 48 12.90 20.85 10.79
N SER B 49 12.50 21.18 9.58
CA SER B 49 11.15 21.73 9.32
C SER B 49 10.02 20.75 9.53
N GLY B 50 10.36 19.46 9.44
CA GLY B 50 9.35 18.43 9.54
C GLY B 50 8.72 18.15 8.19
N SER B 51 9.23 18.75 7.12
CA SER B 51 8.62 18.64 5.80
C SER B 51 9.21 17.47 5.00
N VAL B 52 10.19 16.76 5.55
CA VAL B 52 11.00 15.83 4.75
C VAL B 52 10.93 14.42 5.34
N THR B 53 10.73 13.43 4.47
CA THR B 53 10.68 12.05 4.87
C THR B 53 12.10 11.50 5.17
N HIS B 54 12.14 10.30 5.70
CA HIS B 54 13.38 9.61 6.01
C HIS B 54 13.09 8.15 6.28
N THR B 55 13.75 7.24 5.54
CA THR B 55 13.67 5.82 5.83
C THR B 55 14.94 5.40 6.57
N ARG B 56 14.95 4.14 6.97
CA ARG B 56 16.17 3.48 7.39
C ARG B 56 17.02 3.20 6.15
N ALA B 57 18.17 2.57 6.37
CA ALA B 57 19.03 2.26 5.28
C ALA B 57 18.73 0.96 4.60
N ASP B 58 17.76 0.94 3.70
CA ASP B 58 16.94 -0.24 3.47
C ASP B 58 17.61 -0.83 2.17
N ASN B 59 17.11 -1.96 1.73
CA ASN B 59 17.71 -2.74 0.63
C ASN B 59 16.63 -3.05 -0.42
N PRO B 60 16.22 -2.07 -1.22
CA PRO B 60 16.61 -0.69 -1.13
C PRO B 60 15.53 0.16 -0.43
N SER B 61 15.86 1.41 -0.21
CA SER B 61 14.87 2.35 0.28
C SER B 61 13.91 2.77 -0.82
N TRP B 62 12.63 2.99 -0.44
CA TRP B 62 11.63 3.39 -1.41
C TRP B 62 10.53 4.13 -0.69
N TRP B 63 9.77 4.90 -1.49
CA TRP B 63 8.60 5.69 -1.05
C TRP B 63 7.55 5.61 -2.13
N GLU B 64 6.28 5.67 -1.74
CA GLU B 64 5.20 5.56 -2.72
C GLU B 64 4.01 6.40 -2.31
N VAL B 65 3.35 7.01 -3.28
CA VAL B 65 2.06 7.63 -3.07
C VAL B 65 0.97 6.82 -3.83
N ASP B 66 -0.21 6.73 -3.25
CA ASP B 66 -1.36 6.01 -3.77
C ASP B 66 -2.41 7.08 -4.10
N LEU B 67 -2.70 7.24 -5.38
CA LEU B 67 -3.66 8.23 -5.85
C LEU B 67 -5.11 7.79 -5.58
N LYS B 68 -5.23 6.54 -5.12
CA LYS B 68 -6.48 5.88 -4.68
C LYS B 68 -7.35 5.29 -5.80
N LYS B 69 -7.09 5.75 -7.02
CA LYS B 69 -7.72 5.22 -8.18
C LYS B 69 -6.79 5.47 -9.33
N MET B 70 -7.10 4.87 -10.47
CA MET B 70 -6.32 5.14 -11.68
C MET B 70 -6.60 6.59 -12.07
N ASP B 71 -5.54 7.34 -12.30
CA ASP B 71 -5.62 8.71 -12.73
C ASP B 71 -4.59 8.89 -13.87
N LYS B 72 -4.46 10.08 -14.42
CA LYS B 72 -3.51 10.32 -15.49
C LYS B 72 -2.34 11.10 -14.92
N VAL B 73 -1.14 10.65 -15.25
CA VAL B 73 0.02 11.25 -14.64
C VAL B 73 0.81 11.96 -15.77
N GLY B 74 1.00 13.25 -15.56
CA GLY B 74 1.80 14.09 -16.45
C GLY B 74 3.07 14.44 -15.73
N LEU B 75 3.19 15.68 -15.29
CA LEU B 75 4.37 16.15 -14.61
C LEU B 75 4.47 15.60 -13.19
N VAL B 76 5.63 15.06 -12.88
CA VAL B 76 5.97 14.67 -11.52
C VAL B 76 7.18 15.45 -11.08
N LYS B 77 7.11 16.15 -9.95
CA LYS B 77 8.20 16.95 -9.41
C LYS B 77 8.67 16.39 -8.06
N ILE B 78 9.96 16.08 -7.96
CA ILE B 78 10.57 15.45 -6.82
C ILE B 78 11.55 16.43 -6.18
N TYR B 79 11.31 16.74 -4.93
CA TYR B 79 12.07 17.75 -4.21
C TYR B 79 12.95 17.08 -3.20
N ASN B 80 14.25 17.38 -3.25
CA ASN B 80 15.24 16.74 -2.41
C ASN B 80 15.32 17.37 -1.05
N ARG B 81 15.83 16.61 -0.09
CA ARG B 81 16.39 17.15 1.11
C ARG B 81 17.47 18.17 0.76
N THR B 82 17.61 19.24 1.58
CA THR B 82 18.54 20.34 1.22
C THR B 82 19.54 20.68 2.29
N ASP B 83 19.31 20.32 3.54
CA ASP B 83 20.21 20.70 4.62
C ASP B 83 21.46 19.83 4.76
N ALA B 84 21.39 18.60 4.27
CA ALA B 84 22.43 17.63 4.50
C ALA B 84 22.08 16.35 3.74
N GLU B 85 23.11 15.55 3.54
CA GLU B 85 23.05 14.25 2.86
C GLU B 85 22.33 14.29 1.52
N THR B 86 22.50 15.38 0.80
CA THR B 86 21.72 15.63 -0.39
C THR B 86 22.05 14.66 -1.52
N GLN B 87 23.28 14.11 -1.48
CA GLN B 87 23.67 13.11 -2.46
C GLN B 87 22.86 11.82 -2.40
N ARG B 88 22.18 11.56 -1.30
CA ARG B 88 21.42 10.31 -1.16
C ARG B 88 20.38 10.16 -2.28
N LEU B 89 19.79 11.28 -2.74
CA LEU B 89 18.76 11.20 -3.76
C LEU B 89 19.40 11.22 -5.16
N SER B 90 19.89 10.04 -5.53
CA SER B 90 20.58 9.86 -6.79
C SER B 90 20.43 8.40 -7.16
N ASN B 91 20.66 8.10 -8.44
CA ASN B 91 20.58 6.71 -8.94
C ASN B 91 19.29 6.05 -8.49
N PHE B 92 18.18 6.62 -8.92
CA PHE B 92 16.88 6.14 -8.50
C PHE B 92 15.91 6.03 -9.64
N ASP B 93 14.90 5.18 -9.46
CA ASP B 93 13.83 5.05 -10.42
C ASP B 93 12.57 5.68 -9.89
N VAL B 94 11.75 6.16 -10.81
CA VAL B 94 10.42 6.67 -10.53
C VAL B 94 9.49 5.82 -11.37
N ILE B 95 8.58 5.10 -10.71
CA ILE B 95 7.84 3.98 -11.30
C ILE B 95 6.36 4.20 -11.09
N LEU B 96 5.60 3.97 -12.14
CA LEU B 96 4.13 4.11 -12.12
C LEU B 96 3.54 2.70 -12.18
N TYR B 97 2.56 2.44 -11.30
CA TYR B 97 1.87 1.19 -11.25
C TYR B 97 0.38 1.43 -11.42
N ASP B 98 -0.27 0.46 -12.02
CA ASP B 98 -1.70 0.50 -12.21
C ASP B 98 -2.40 -0.13 -10.99
N ASN B 99 -3.71 -0.33 -11.13
CA ASN B 99 -4.53 -0.80 -9.99
C ASN B 99 -4.18 -2.18 -9.53
N ASN B 100 -3.53 -3.00 -10.37
CA ASN B 100 -3.12 -4.35 -10.00
C ASN B 100 -1.62 -4.45 -9.80
N ARG B 101 -0.97 -3.29 -9.65
CA ARG B 101 0.49 -3.18 -9.46
C ARG B 101 1.34 -3.72 -10.61
N ASN B 102 0.77 -3.64 -11.81
CA ASN B 102 1.57 -3.81 -13.02
C ASN B 102 2.31 -2.52 -13.22
N GLU B 103 3.61 -2.64 -13.50
CA GLU B 103 4.41 -1.48 -13.84
C GLU B 103 3.96 -0.94 -15.20
N VAL B 104 3.62 0.32 -15.24
CA VAL B 104 3.20 0.87 -16.50
C VAL B 104 4.17 1.86 -17.12
N ALA B 105 5.09 2.38 -16.30
CA ALA B 105 6.08 3.34 -16.74
C ALA B 105 7.18 3.49 -15.73
N LYS B 106 8.38 3.80 -16.18
CA LYS B 106 9.54 3.93 -15.32
C LYS B 106 10.51 4.92 -15.96
N LYS B 107 10.98 5.85 -15.15
CA LYS B 107 12.08 6.73 -15.50
C LYS B 107 13.18 6.68 -14.47
N HIS B 108 14.43 6.82 -14.94
CA HIS B 108 15.58 6.80 -14.07
C HIS B 108 16.22 8.16 -13.97
N VAL B 109 16.68 8.50 -12.78
CA VAL B 109 17.39 9.74 -12.52
C VAL B 109 18.74 9.40 -11.96
N ASN B 110 19.79 9.93 -12.60
CA ASN B 110 21.14 9.77 -12.06
C ASN B 110 21.39 10.67 -10.90
N ASN B 111 21.36 11.95 -11.14
CA ASN B 111 21.61 12.85 -10.03
C ASN B 111 20.80 14.11 -10.27
N LEU B 112 20.55 14.86 -9.21
CA LEU B 112 19.85 16.12 -9.34
C LEU B 112 20.88 17.22 -9.53
N SER B 113 20.60 18.16 -10.41
CA SER B 113 21.50 19.32 -10.51
C SER B 113 20.99 20.51 -9.68
N GLY B 114 19.68 20.73 -9.62
CA GLY B 114 19.18 21.57 -8.54
C GLY B 114 18.62 20.85 -7.31
N GLU B 115 17.66 21.49 -6.65
CA GLU B 115 17.10 20.97 -5.40
C GLU B 115 15.86 20.10 -5.69
N SER B 116 15.54 20.00 -6.95
CA SER B 116 14.45 19.15 -7.41
C SER B 116 14.67 18.67 -8.83
N VAL B 117 13.92 17.67 -9.25
CA VAL B 117 13.86 17.17 -10.61
C VAL B 117 12.43 16.96 -11.05
N SER B 118 12.18 17.29 -12.31
CA SER B 118 10.86 17.13 -12.85
CA SER B 118 10.86 17.16 -12.92
C SER B 118 10.90 16.10 -13.98
N LEU B 119 9.85 15.30 -14.04
CA LEU B 119 9.66 14.21 -15.00
C LEU B 119 8.28 14.27 -15.61
N ASP B 120 8.15 13.94 -16.87
CA ASP B 120 6.86 14.04 -17.51
C ASP B 120 6.42 12.70 -18.06
N PHE B 121 5.41 12.09 -17.46
CA PHE B 121 4.91 10.79 -17.86
C PHE B 121 3.77 10.82 -18.91
N LYS B 122 3.47 12.01 -19.40
CA LYS B 122 2.68 12.19 -20.62
C LYS B 122 1.29 11.57 -20.51
N GLU B 123 0.65 11.76 -19.36
CA GLU B 123 -0.72 11.35 -19.13
C GLU B 123 -0.93 9.81 -19.05
N LYS B 124 0.11 9.06 -18.70
CA LYS B 124 0.00 7.62 -18.44
C LYS B 124 -0.97 7.37 -17.30
N GLY B 125 -1.85 6.39 -17.46
CA GLY B 125 -2.77 5.92 -16.46
C GLY B 125 -2.05 5.11 -15.37
N ALA B 126 -2.23 5.53 -14.12
CA ALA B 126 -1.56 4.91 -12.98
C ALA B 126 -2.31 5.28 -11.73
N ARG B 127 -2.19 4.40 -10.75
CA ARG B 127 -2.67 4.66 -9.42
C ARG B 127 -1.54 4.95 -8.44
N TYR B 128 -0.37 4.32 -8.61
CA TYR B 128 0.73 4.48 -7.64
C TYR B 128 1.97 5.06 -8.32
N ILE B 129 2.66 5.91 -7.62
CA ILE B 129 3.96 6.44 -8.03
C ILE B 129 4.97 6.13 -6.95
N LYS B 130 6.00 5.37 -7.33
CA LYS B 130 7.02 4.91 -6.40
C LYS B 130 8.34 5.52 -6.74
N VAL B 131 9.05 5.99 -5.74
CA VAL B 131 10.46 6.43 -5.88
C VAL B 131 11.33 5.39 -5.21
N LYS B 132 12.23 4.80 -5.95
CA LYS B 132 13.02 3.66 -5.49
C LYS B 132 14.51 3.93 -5.70
N LEU B 133 15.29 3.96 -4.63
CA LEU B 133 16.75 4.11 -4.78
C LEU B 133 17.28 2.79 -5.31
N LEU B 134 18.25 2.87 -6.19
CA LEU B 134 18.86 1.65 -6.74
C LEU B 134 20.13 1.17 -6.03
N THR B 135 20.74 2.07 -5.28
CA THR B 135 21.82 1.72 -4.36
C THR B 135 21.23 1.37 -3.02
N SER B 136 21.39 0.14 -2.58
CA SER B 136 20.90 -0.29 -1.29
C SER B 136 21.77 0.28 -0.19
N GLY B 137 21.21 0.27 1.01
CA GLY B 137 21.89 0.75 2.16
C GLY B 137 21.96 2.24 2.30
N VAL B 138 21.10 2.96 1.58
CA VAL B 138 21.09 4.42 1.59
C VAL B 138 19.66 4.85 1.97
N PRO B 139 19.50 5.65 3.02
CA PRO B 139 18.16 6.19 3.34
C PRO B 139 17.55 7.10 2.25
N LEU B 140 16.24 6.97 2.01
CA LEU B 140 15.52 7.84 1.12
C LEU B 140 14.86 8.98 1.94
N SER B 141 15.21 10.21 1.61
CA SER B 141 14.57 11.43 2.13
C SER B 141 14.08 12.30 0.98
N LEU B 142 12.77 12.62 0.98
CA LEU B 142 12.10 13.40 -0.01
C LEU B 142 11.44 14.57 0.69
N ALA B 143 11.73 15.77 0.21
CA ALA B 143 11.00 16.96 0.73
C ALA B 143 9.55 17.04 0.27
N GLU B 144 9.31 16.65 -0.96
CA GLU B 144 7.97 16.69 -1.51
C GLU B 144 7.99 15.95 -2.84
N VAL B 145 6.86 15.36 -3.18
CA VAL B 145 6.55 14.84 -4.50
C VAL B 145 5.21 15.38 -4.91
N GLU B 146 5.22 16.14 -6.00
CA GLU B 146 3.99 16.69 -6.61
C GLU B 146 3.69 16.00 -7.90
N VAL B 147 2.42 15.70 -8.12
CA VAL B 147 1.94 15.04 -9.31
C VAL B 147 0.85 15.80 -9.96
N PHE B 148 0.97 16.06 -11.27
CA PHE B 148 -0.04 16.76 -12.04
C PHE B 148 -0.58 15.87 -13.14
N ARG B 149 -1.77 16.19 -13.64
CA ARG B 149 -2.43 15.31 -14.61
C ARG B 149 -1.99 15.47 -16.07
N GLU B 150 -1.35 16.60 -16.33
CA GLU B 150 -0.73 16.88 -17.62
C GLU B 150 0.65 17.50 -17.40
N SER B 151 1.33 17.87 -18.39
CA CA C . -14.81 -5.91 10.49
CA CA D . 7.03 18.24 2.30
#